data_3UVM
#
_entry.id   3UVM
#
_cell.length_a   78.527
_cell.length_b   98.774
_cell.length_c   79.740
_cell.angle_alpha   90.00
_cell.angle_beta   90.00
_cell.angle_gamma   90.00
#
_symmetry.space_group_name_H-M   'C 2 2 21'
#
loop_
_entity.id
_entity.type
_entity.pdbx_description
1 polymer 'WD repeat-containing protein 5'
2 polymer 'Histone-lysine N-methyltransferase MLL4'
3 water water
#
loop_
_entity_poly.entity_id
_entity_poly.type
_entity_poly.pdbx_seq_one_letter_code
_entity_poly.pdbx_strand_id
1 'polypeptide(L)'
;GAMGSSATQSKPTPVKPNYALKFTLAGHTKAVSSVKFSPNGEWLASSSADKLIKIWGAYDGKFEKTISGHKLGISDVAWS
SDSNLLVSASDDKTLKIWDVSSGKCLKTLKGHSNYVFCCNFNPQSNLIVSGSFDESVRIWDVKTGKCLKTLPAHSDPVSA
VHFNRDGSLIVSSSYDGLCRIWDTASGQCLKTLIDDDNPPVSFVKFSPNGKYILAATLDNTLKLWDYSKGKCLKTYTGHK
NEKYCIFANFSVTGGKWIVSGSEDNLVYIWNLQTKEIVQKLQGHTDVVISTACHPTENIIASAALENDKTIKLWKSDC
;
A
2 'polypeptide(L)' GAARAEVYLR B
#
# COMPACT_ATOMS: atom_id res chain seq x y z
N VAL A 15 -3.73 -26.93 -5.90
CA VAL A 15 -2.44 -26.32 -6.24
C VAL A 15 -2.00 -25.36 -5.13
N LYS A 16 -0.69 -25.31 -4.88
CA LYS A 16 -0.07 -24.43 -3.89
C LYS A 16 1.17 -23.81 -4.52
N PRO A 17 1.55 -22.56 -4.17
CA PRO A 17 2.76 -21.98 -4.77
C PRO A 17 4.02 -22.51 -4.11
N ASN A 18 5.18 -22.19 -4.69
CA ASN A 18 6.43 -22.63 -4.07
C ASN A 18 7.42 -21.49 -4.00
N TYR A 19 6.98 -20.36 -3.37
CA TYR A 19 7.86 -19.21 -3.23
C TYR A 19 9.08 -19.57 -2.45
N ALA A 20 10.24 -19.16 -2.96
CA ALA A 20 11.54 -19.40 -2.37
C ALA A 20 12.34 -18.11 -2.41
N LEU A 21 13.09 -17.86 -1.34
CA LEU A 21 13.90 -16.67 -1.22
C LEU A 21 14.99 -16.62 -2.30
N LYS A 22 15.02 -15.53 -3.06
CA LYS A 22 16.02 -15.31 -4.10
C LYS A 22 17.04 -14.24 -3.75
N PHE A 23 16.57 -13.10 -3.21
CA PHE A 23 17.45 -11.98 -2.86
C PHE A 23 16.98 -11.27 -1.64
N THR A 24 17.93 -10.70 -0.88
CA THR A 24 17.69 -9.85 0.27
C THR A 24 18.34 -8.52 -0.05
N LEU A 25 17.56 -7.43 0.07
CA LEU A 25 17.93 -6.07 -0.30
C LEU A 25 18.15 -5.24 0.96
N ALA A 26 19.41 -4.92 1.26
CA ALA A 26 19.80 -4.11 2.42
C ALA A 26 20.26 -2.74 1.95
N GLY A 27 20.01 -1.72 2.75
CA GLY A 27 20.41 -0.35 2.42
C GLY A 27 19.69 0.68 3.26
N HIS A 28 18.38 0.42 3.57
CA HIS A 28 17.65 1.40 4.40
C HIS A 28 18.19 1.35 5.82
N THR A 29 18.22 2.50 6.49
CA THR A 29 18.81 2.63 7.84
C THR A 29 17.78 2.63 8.94
N LYS A 30 16.49 2.57 8.58
CA LYS A 30 15.41 2.49 9.56
C LYS A 30 14.35 1.56 8.95
N ALA A 31 13.26 1.32 9.70
CA ALA A 31 12.14 0.49 9.24
C ALA A 31 11.79 0.80 7.77
N VAL A 32 11.54 -0.24 6.98
CA VAL A 32 11.02 -0.06 5.62
C VAL A 32 9.49 0.06 5.81
N SER A 33 8.83 0.97 5.07
CA SER A 33 7.39 1.19 5.26
C SER A 33 6.55 0.65 4.13
N SER A 34 7.04 0.72 2.88
N SER A 34 7.08 0.64 2.91
CA SER A 34 6.25 0.28 1.72
CA SER A 34 6.34 0.13 1.78
C SER A 34 7.13 -0.10 0.55
C SER A 34 7.27 -0.31 0.69
N VAL A 35 6.78 -1.23 -0.13
CA VAL A 35 7.47 -1.68 -1.34
C VAL A 35 6.40 -1.78 -2.44
N LYS A 36 6.79 -1.39 -3.68
CA LYS A 36 5.87 -1.45 -4.84
C LYS A 36 6.65 -1.75 -6.09
N PHE A 37 6.13 -2.65 -6.93
CA PHE A 37 6.76 -2.90 -8.22
C PHE A 37 6.26 -1.88 -9.24
N SER A 38 7.15 -1.49 -10.16
CA SER A 38 6.66 -0.61 -11.23
C SER A 38 5.73 -1.38 -12.14
N PRO A 39 4.70 -0.71 -12.73
CA PRO A 39 3.77 -1.43 -13.61
C PRO A 39 4.45 -2.11 -14.80
N ASN A 40 5.61 -1.61 -15.24
CA ASN A 40 6.33 -2.24 -16.36
C ASN A 40 7.19 -3.43 -15.94
N GLY A 41 7.19 -3.74 -14.64
CA GLY A 41 7.91 -4.87 -14.07
C GLY A 41 9.41 -4.72 -13.93
N GLU A 42 9.96 -3.57 -14.32
CA GLU A 42 11.41 -3.43 -14.27
C GLU A 42 11.99 -3.16 -12.91
N TRP A 43 11.21 -2.46 -12.05
CA TRP A 43 11.76 -1.94 -10.80
C TRP A 43 10.93 -2.20 -9.57
N LEU A 44 11.60 -2.09 -8.43
CA LEU A 44 10.95 -2.09 -7.14
C LEU A 44 11.31 -0.75 -6.48
N ALA A 45 10.30 -0.02 -5.95
CA ALA A 45 10.54 1.18 -5.17
C ALA A 45 10.26 0.81 -3.73
N SER A 46 11.07 1.34 -2.81
CA SER A 46 10.85 1.17 -1.38
C SER A 46 10.91 2.50 -0.67
N SER A 47 10.11 2.65 0.40
CA SER A 47 10.14 3.87 1.22
C SER A 47 10.48 3.47 2.63
N SER A 48 11.01 4.40 3.39
CA SER A 48 11.41 4.06 4.76
C SER A 48 11.28 5.19 5.73
N ALA A 49 11.28 4.85 7.01
CA ALA A 49 11.33 5.85 8.08
C ALA A 49 12.64 6.63 8.05
N ASP A 50 13.64 6.17 7.24
CA ASP A 50 14.92 6.87 7.09
C ASP A 50 14.86 8.10 6.14
N LYS A 51 13.64 8.47 5.69
CA LYS A 51 13.36 9.65 4.85
C LYS A 51 13.69 9.45 3.38
N LEU A 52 14.05 8.22 2.99
CA LEU A 52 14.47 7.95 1.64
C LEU A 52 13.58 6.98 0.88
N ILE A 53 13.65 7.09 -0.44
CA ILE A 53 13.05 6.18 -1.38
C ILE A 53 14.24 5.50 -2.04
N LYS A 54 14.18 4.18 -2.20
CA LYS A 54 15.22 3.44 -2.89
C LYS A 54 14.63 2.67 -4.04
N ILE A 55 15.38 2.61 -5.15
CA ILE A 55 14.94 1.91 -6.36
C ILE A 55 15.86 0.71 -6.54
N TRP A 56 15.28 -0.43 -6.85
CA TRP A 56 15.98 -1.69 -7.01
C TRP A 56 15.54 -2.42 -8.26
N GLY A 57 16.41 -3.24 -8.83
CA GLY A 57 16.03 -4.06 -9.97
C GLY A 57 15.05 -5.14 -9.54
N ALA A 58 13.92 -5.25 -10.23
CA ALA A 58 12.85 -6.20 -9.86
C ALA A 58 13.20 -7.68 -10.00
N TYR A 59 14.08 -8.04 -10.96
CA TYR A 59 14.44 -9.44 -11.22
C TYR A 59 15.71 -9.89 -10.54
N ASP A 60 16.66 -8.98 -10.32
CA ASP A 60 17.96 -9.30 -9.71
C ASP A 60 18.18 -8.69 -8.32
N GLY A 61 17.29 -7.78 -7.89
CA GLY A 61 17.41 -7.11 -6.60
C GLY A 61 18.57 -6.14 -6.49
N LYS A 62 19.20 -5.79 -7.63
CA LYS A 62 20.35 -4.89 -7.63
C LYS A 62 19.93 -3.47 -7.31
N PHE A 63 20.62 -2.84 -6.35
CA PHE A 63 20.35 -1.45 -5.96
C PHE A 63 20.58 -0.52 -7.15
N GLU A 64 19.62 0.39 -7.40
CA GLU A 64 19.70 1.34 -8.50
C GLU A 64 20.08 2.73 -8.04
N LYS A 65 19.26 3.37 -7.16
CA LYS A 65 19.59 4.69 -6.62
C LYS A 65 18.65 5.06 -5.50
N THR A 66 19.01 6.11 -4.80
CA THR A 66 18.28 6.71 -3.69
C THR A 66 17.67 8.00 -4.15
N ILE A 67 16.39 8.24 -3.78
CA ILE A 67 15.68 9.48 -4.06
C ILE A 67 15.43 10.13 -2.70
N SER A 68 16.03 11.31 -2.49
N SER A 68 16.05 11.31 -2.49
CA SER A 68 15.95 12.03 -1.21
CA SER A 68 16.01 12.05 -1.22
C SER A 68 15.29 13.40 -1.37
C SER A 68 15.34 13.41 -1.36
N GLY A 69 14.82 13.93 -0.24
CA GLY A 69 14.19 15.24 -0.21
C GLY A 69 13.19 15.46 0.92
N HIS A 70 12.50 14.38 1.34
CA HIS A 70 11.58 14.54 2.48
C HIS A 70 12.36 14.88 3.76
N LYS A 71 11.71 15.65 4.65
CA LYS A 71 12.34 16.07 5.90
C LYS A 71 12.17 15.10 7.05
N LEU A 72 11.18 14.19 6.93
CA LEU A 72 10.88 13.17 7.93
C LEU A 72 10.56 11.88 7.19
N GLY A 73 10.35 10.81 7.95
CA GLY A 73 10.15 9.48 7.39
C GLY A 73 8.98 9.41 6.44
N ILE A 74 9.00 8.43 5.58
CA ILE A 74 7.99 8.25 4.55
C ILE A 74 7.19 6.99 4.88
N SER A 75 5.85 7.10 4.83
CA SER A 75 4.98 5.95 5.13
C SER A 75 4.50 5.17 3.90
N ASP A 76 4.58 5.78 2.70
CA ASP A 76 4.09 5.11 1.48
C ASP A 76 4.74 5.71 0.24
N VAL A 77 4.74 4.93 -0.84
CA VAL A 77 5.26 5.36 -2.16
C VAL A 77 4.40 4.64 -3.18
N ALA A 78 4.18 5.25 -4.33
CA ALA A 78 3.35 4.61 -5.36
C ALA A 78 3.81 5.05 -6.72
N TRP A 79 3.68 4.16 -7.71
CA TRP A 79 4.08 4.44 -9.08
C TRP A 79 2.96 4.98 -9.93
N SER A 80 3.34 5.80 -10.91
CA SER A 80 2.37 6.21 -11.94
C SER A 80 2.21 5.00 -12.91
N SER A 81 1.11 4.98 -13.68
CA SER A 81 0.77 3.87 -14.58
C SER A 81 1.83 3.55 -15.61
N ASP A 82 2.55 4.57 -16.06
CA ASP A 82 3.61 4.45 -17.08
C ASP A 82 5.01 4.22 -16.49
N SER A 83 5.09 4.01 -15.15
CA SER A 83 6.35 3.74 -14.43
C SER A 83 7.34 4.90 -14.45
N ASN A 84 6.90 6.08 -14.88
CA ASN A 84 7.77 7.25 -14.97
C ASN A 84 7.85 8.09 -13.72
N LEU A 85 6.78 8.08 -12.90
CA LEU A 85 6.75 8.90 -11.70
C LEU A 85 6.53 8.08 -10.47
N LEU A 86 6.90 8.66 -9.30
CA LEU A 86 6.56 8.09 -8.00
C LEU A 86 5.91 9.19 -7.22
N VAL A 87 5.03 8.85 -6.29
CA VAL A 87 4.53 9.81 -5.32
C VAL A 87 4.85 9.21 -3.94
N SER A 88 5.28 10.03 -2.98
CA SER A 88 5.57 9.57 -1.63
C SER A 88 4.79 10.36 -0.60
N ALA A 89 4.47 9.73 0.54
CA ALA A 89 3.69 10.34 1.64
C ALA A 89 4.55 10.34 2.90
N SER A 90 4.71 11.54 3.52
CA SER A 90 5.64 11.67 4.65
C SER A 90 5.07 12.27 5.91
N ASP A 91 5.76 12.03 7.03
CA ASP A 91 5.46 12.64 8.32
C ASP A 91 5.73 14.15 8.26
N ASP A 92 6.47 14.63 7.22
CA ASP A 92 6.71 16.06 7.04
C ASP A 92 5.46 16.80 6.57
N LYS A 93 4.32 16.06 6.42
CA LYS A 93 2.98 16.55 6.07
C LYS A 93 2.83 16.88 4.59
N THR A 94 3.80 16.47 3.78
CA THR A 94 3.75 16.65 2.35
C THR A 94 3.76 15.33 1.60
N LEU A 95 3.39 15.44 0.31
CA LEU A 95 3.60 14.37 -0.67
C LEU A 95 4.57 14.98 -1.66
N LYS A 96 5.39 14.12 -2.31
CA LYS A 96 6.30 14.63 -3.32
C LYS A 96 6.11 13.78 -4.54
N ILE A 97 6.09 14.42 -5.71
CA ILE A 97 6.00 13.73 -7.02
C ILE A 97 7.41 13.76 -7.55
N TRP A 98 7.90 12.60 -7.95
CA TRP A 98 9.26 12.42 -8.44
C TRP A 98 9.33 11.91 -9.85
N ASP A 99 10.32 12.43 -10.61
CA ASP A 99 10.60 11.86 -11.92
C ASP A 99 11.65 10.80 -11.62
N VAL A 100 11.30 9.52 -11.74
CA VAL A 100 12.19 8.45 -11.39
C VAL A 100 13.51 8.45 -12.17
N SER A 101 13.46 8.67 -13.50
N SER A 101 13.46 8.65 -13.48
CA SER A 101 14.64 8.64 -14.38
CA SER A 101 14.67 8.62 -14.32
C SER A 101 15.71 9.67 -14.04
C SER A 101 15.72 9.63 -13.84
N SER A 102 15.30 10.87 -13.62
CA SER A 102 16.24 11.94 -13.24
C SER A 102 16.43 12.09 -11.73
N GLY A 103 15.50 11.56 -10.93
CA GLY A 103 15.53 11.72 -9.48
C GLY A 103 14.95 13.05 -9.02
N LYS A 104 14.50 13.90 -9.97
CA LYS A 104 13.96 15.24 -9.70
CA LYS A 104 13.97 15.25 -9.69
C LYS A 104 12.67 15.22 -8.90
N CYS A 105 12.50 16.20 -8.01
CA CYS A 105 11.24 16.35 -7.29
C CYS A 105 10.46 17.34 -8.13
N LEU A 106 9.43 16.87 -8.82
CA LEU A 106 8.68 17.74 -9.71
C LEU A 106 7.74 18.69 -8.97
N LYS A 107 7.05 18.17 -7.93
CA LYS A 107 6.11 18.97 -7.14
C LYS A 107 6.16 18.49 -5.70
N THR A 108 5.93 19.42 -4.77
CA THR A 108 5.73 19.11 -3.36
C THR A 108 4.28 19.51 -3.08
N LEU A 109 3.46 18.53 -2.62
CA LEU A 109 2.02 18.71 -2.37
C LEU A 109 1.80 19.08 -0.90
N LYS A 110 1.46 20.36 -0.66
CA LYS A 110 1.29 20.89 0.70
C LYS A 110 -0.17 21.24 0.91
N GLY A 111 -0.74 20.79 2.03
CA GLY A 111 -2.14 21.06 2.32
C GLY A 111 -2.63 20.22 3.49
N HIS A 112 -2.12 19.00 3.64
CA HIS A 112 -2.51 18.23 4.82
C HIS A 112 -2.00 18.93 6.07
N SER A 113 -2.75 18.84 7.18
CA SER A 113 -2.32 19.49 8.42
C SER A 113 -1.62 18.57 9.40
N ASN A 114 -1.48 17.30 9.02
CA ASN A 114 -0.83 16.28 9.84
C ASN A 114 -0.19 15.27 8.93
N TYR A 115 0.54 14.31 9.51
CA TYR A 115 1.31 13.31 8.73
C TYR A 115 0.53 12.75 7.53
N VAL A 116 1.19 12.60 6.39
CA VAL A 116 0.54 11.97 5.25
C VAL A 116 0.90 10.45 5.34
N PHE A 117 -0.10 9.57 5.27
CA PHE A 117 0.10 8.16 5.53
C PHE A 117 0.08 7.26 4.32
N CYS A 118 -0.72 7.62 3.33
CA CYS A 118 -0.96 6.75 2.19
C CYS A 118 -1.17 7.60 0.95
N CYS A 119 -0.91 7.00 -0.21
CA CYS A 119 -1.04 7.74 -1.47
C CYS A 119 -1.18 6.78 -2.64
N ASN A 120 -1.73 7.30 -3.75
CA ASN A 120 -1.82 6.54 -4.99
C ASN A 120 -2.15 7.46 -6.14
N PHE A 121 -1.73 7.10 -7.34
CA PHE A 121 -2.18 7.79 -8.53
C PHE A 121 -3.48 7.13 -9.00
N ASN A 122 -4.24 7.85 -9.85
CA ASN A 122 -5.38 7.22 -10.50
C ASN A 122 -4.81 6.49 -11.74
N PRO A 123 -5.56 5.56 -12.35
CA PRO A 123 -5.05 4.85 -13.54
C PRO A 123 -4.54 5.76 -14.66
N GLN A 124 -5.16 6.93 -14.87
CA GLN A 124 -4.74 7.88 -15.90
CA GLN A 124 -4.72 7.89 -15.90
C GLN A 124 -3.47 8.64 -15.45
N SER A 125 -3.13 8.52 -14.15
CA SER A 125 -1.97 9.18 -13.58
C SER A 125 -1.94 10.72 -13.69
N ASN A 126 -3.15 11.36 -13.81
CA ASN A 126 -3.32 12.81 -13.78
C ASN A 126 -3.76 13.33 -12.40
N LEU A 127 -4.16 12.39 -11.49
CA LEU A 127 -4.55 12.75 -10.13
C LEU A 127 -3.79 11.87 -9.15
N ILE A 128 -3.63 12.41 -7.96
CA ILE A 128 -3.12 11.70 -6.82
C ILE A 128 -4.17 11.79 -5.73
N VAL A 129 -4.35 10.67 -5.02
CA VAL A 129 -5.19 10.66 -3.82
C VAL A 129 -4.28 10.43 -2.61
N SER A 130 -4.58 11.08 -1.49
CA SER A 130 -3.76 10.92 -0.29
C SER A 130 -4.65 10.85 0.95
N GLY A 131 -4.14 10.19 1.99
CA GLY A 131 -4.81 10.06 3.27
C GLY A 131 -3.85 10.47 4.36
N SER A 132 -4.40 11.06 5.42
CA SER A 132 -3.59 11.64 6.46
C SER A 132 -4.09 11.43 7.87
N PHE A 133 -3.20 11.68 8.83
CA PHE A 133 -3.54 11.76 10.25
C PHE A 133 -4.51 12.91 10.51
N ASP A 134 -4.60 13.89 9.59
CA ASP A 134 -5.58 14.98 9.77
C ASP A 134 -7.04 14.51 9.47
N GLU A 135 -7.24 13.19 9.16
CA GLU A 135 -8.55 12.57 8.99
C GLU A 135 -9.22 12.84 7.65
N SER A 136 -8.47 13.50 6.73
CA SER A 136 -8.99 13.82 5.41
C SER A 136 -8.36 12.97 4.33
N VAL A 137 -9.06 12.95 3.20
CA VAL A 137 -8.64 12.39 1.93
C VAL A 137 -8.55 13.59 1.03
N ARG A 138 -7.40 13.76 0.34
CA ARG A 138 -7.24 14.87 -0.58
C ARG A 138 -6.99 14.34 -2.00
N ILE A 139 -7.44 15.10 -3.01
CA ILE A 139 -7.26 14.75 -4.41
C ILE A 139 -6.45 15.90 -5.00
N TRP A 140 -5.35 15.56 -5.67
CA TRP A 140 -4.40 16.54 -6.19
C TRP A 140 -4.22 16.43 -7.69
N ASP A 141 -3.97 17.59 -8.34
CA ASP A 141 -3.67 17.59 -9.78
C ASP A 141 -2.17 17.31 -9.93
N VAL A 142 -1.77 16.24 -10.63
CA VAL A 142 -0.36 15.85 -10.83
C VAL A 142 0.46 16.96 -11.53
N LYS A 143 -0.08 17.52 -12.62
CA LYS A 143 0.58 18.57 -13.43
C LYS A 143 0.90 19.85 -12.66
N THR A 144 -0.07 20.39 -11.93
CA THR A 144 0.12 21.65 -11.20
C THR A 144 0.52 21.47 -9.75
N GLY A 145 0.27 20.28 -9.20
CA GLY A 145 0.55 19.99 -7.81
C GLY A 145 -0.49 20.58 -6.87
N LYS A 146 -1.58 21.15 -7.42
CA LYS A 146 -2.60 21.82 -6.60
C LYS A 146 -3.62 20.86 -5.98
N CYS A 147 -4.10 21.21 -4.78
CA CYS A 147 -5.14 20.42 -4.10
C CYS A 147 -6.47 20.79 -4.71
N LEU A 148 -7.13 19.82 -5.34
CA LEU A 148 -8.42 20.02 -6.01
C LEU A 148 -9.59 19.86 -5.06
N LYS A 149 -9.54 18.83 -4.21
CA LYS A 149 -10.64 18.56 -3.28
C LYS A 149 -10.11 18.04 -1.96
N THR A 150 -10.76 18.41 -0.84
CA THR A 150 -10.44 17.91 0.50
C THR A 150 -11.74 17.27 1.00
N LEU A 151 -11.69 15.98 1.30
CA LEU A 151 -12.86 15.25 1.79
C LEU A 151 -12.73 15.07 3.29
N PRO A 152 -13.74 15.48 4.06
CA PRO A 152 -13.73 15.26 5.52
C PRO A 152 -14.21 13.82 5.76
N ALA A 153 -13.31 12.91 5.43
CA ALA A 153 -13.58 11.52 5.27
C ALA A 153 -13.81 10.67 6.48
N HIS A 154 -13.01 10.86 7.51
CA HIS A 154 -12.95 9.97 8.65
C HIS A 154 -12.81 10.72 9.98
N SER A 155 -12.87 9.96 11.08
CA SER A 155 -12.75 10.55 12.43
C SER A 155 -11.50 10.07 13.17
N ASP A 156 -10.54 9.49 12.40
CA ASP A 156 -9.24 9.03 12.90
C ASP A 156 -8.34 8.99 11.67
N PRO A 157 -7.03 8.73 11.84
CA PRO A 157 -6.16 8.74 10.66
C PRO A 157 -6.64 7.82 9.53
N VAL A 158 -6.45 8.28 8.29
CA VAL A 158 -6.77 7.52 7.10
C VAL A 158 -5.59 6.60 6.78
N SER A 159 -5.84 5.28 6.78
CA SER A 159 -4.78 4.28 6.63
C SER A 159 -4.48 3.87 5.19
N ALA A 160 -5.46 4.01 4.28
CA ALA A 160 -5.27 3.65 2.89
C ALA A 160 -6.24 4.41 2.00
N VAL A 161 -5.81 4.61 0.75
CA VAL A 161 -6.59 5.25 -0.30
C VAL A 161 -6.26 4.60 -1.62
N HIS A 162 -7.26 4.36 -2.45
CA HIS A 162 -7.00 3.70 -3.74
C HIS A 162 -8.11 4.05 -4.72
N PHE A 163 -7.75 4.25 -5.98
CA PHE A 163 -8.74 4.49 -7.04
C PHE A 163 -9.17 3.17 -7.64
N ASN A 164 -10.40 3.11 -8.17
CA ASN A 164 -10.87 1.92 -8.85
C ASN A 164 -10.34 1.91 -10.30
N ARG A 165 -10.77 0.93 -11.09
CA ARG A 165 -10.23 0.65 -12.41
C ARG A 165 -10.29 1.80 -13.40
N ASP A 166 -11.35 2.62 -13.36
CA ASP A 166 -11.40 3.78 -14.26
C ASP A 166 -11.17 5.13 -13.54
N GLY A 167 -10.90 5.09 -12.23
CA GLY A 167 -10.65 6.30 -11.48
C GLY A 167 -11.88 7.09 -11.06
N SER A 168 -13.09 6.51 -11.30
CA SER A 168 -14.37 7.14 -10.97
CA SER A 168 -14.37 7.15 -10.96
C SER A 168 -14.64 7.10 -9.46
N LEU A 169 -14.04 6.10 -8.75
CA LEU A 169 -14.25 5.99 -7.32
C LEU A 169 -12.94 5.95 -6.59
N ILE A 170 -12.98 6.34 -5.32
CA ILE A 170 -11.87 6.22 -4.38
C ILE A 170 -12.40 5.38 -3.24
N VAL A 171 -11.58 4.46 -2.75
CA VAL A 171 -11.92 3.76 -1.50
C VAL A 171 -10.93 4.24 -0.45
N SER A 172 -11.40 4.48 0.77
CA SER A 172 -10.53 4.90 1.87
C SER A 172 -10.80 4.06 3.09
N SER A 173 -9.81 3.94 3.97
CA SER A 173 -10.00 3.20 5.24
C SER A 173 -9.41 4.01 6.35
N SER A 174 -9.83 3.70 7.57
CA SER A 174 -9.33 4.44 8.70
C SER A 174 -9.35 3.66 9.97
N TYR A 175 -8.53 4.12 10.94
CA TYR A 175 -8.53 3.56 12.29
C TYR A 175 -9.90 3.75 12.97
N ASP A 176 -10.79 4.59 12.40
CA ASP A 176 -12.14 4.78 12.96
C ASP A 176 -13.05 3.54 12.74
N GLY A 177 -12.54 2.56 12.01
CA GLY A 177 -13.26 1.31 11.77
C GLY A 177 -14.09 1.29 10.50
N LEU A 178 -13.99 2.34 9.68
CA LEU A 178 -14.79 2.39 8.46
C LEU A 178 -13.97 2.30 7.21
N CYS A 179 -14.66 1.81 6.17
CA CYS A 179 -14.24 1.81 4.76
CA CYS A 179 -14.17 1.84 4.83
C CYS A 179 -15.23 2.69 4.08
N ARG A 180 -14.80 3.68 3.30
CA ARG A 180 -15.75 4.54 2.58
C ARG A 180 -15.43 4.60 1.10
N ILE A 181 -16.46 4.72 0.27
CA ILE A 181 -16.30 4.84 -1.17
C ILE A 181 -16.78 6.22 -1.55
N TRP A 182 -15.94 6.94 -2.31
CA TRP A 182 -16.18 8.32 -2.68
C TRP A 182 -16.26 8.48 -4.15
N ASP A 183 -17.15 9.39 -4.61
CA ASP A 183 -17.21 9.70 -6.03
C ASP A 183 -16.08 10.71 -6.31
N THR A 184 -15.12 10.37 -7.18
CA THR A 184 -13.97 11.25 -7.45
C THR A 184 -14.42 12.63 -7.92
N ALA A 185 -15.44 12.69 -8.77
CA ALA A 185 -15.86 13.96 -9.38
C ALA A 185 -16.56 14.89 -8.42
N SER A 186 -17.46 14.36 -7.59
CA SER A 186 -18.27 15.18 -6.69
C SER A 186 -17.79 15.24 -5.25
N GLY A 187 -17.05 14.22 -4.82
CA GLY A 187 -16.58 14.13 -3.43
C GLY A 187 -17.64 13.59 -2.49
N GLN A 188 -18.77 13.13 -3.04
CA GLN A 188 -19.87 12.56 -2.25
C GLN A 188 -19.48 11.18 -1.69
N CYS A 189 -19.89 10.91 -0.43
CA CYS A 189 -19.71 9.62 0.19
C CYS A 189 -20.82 8.72 -0.33
N LEU A 190 -20.46 7.77 -1.20
CA LEU A 190 -21.43 6.83 -1.80
C LEU A 190 -21.75 5.62 -0.98
N LYS A 191 -20.83 5.19 -0.10
CA LYS A 191 -21.01 3.96 0.65
C LYS A 191 -20.08 3.96 1.85
N THR A 192 -20.56 3.41 2.96
CA THR A 192 -19.76 3.14 4.15
C THR A 192 -19.91 1.65 4.39
N LEU A 193 -18.77 0.95 4.51
CA LEU A 193 -18.74 -0.49 4.74
C LEU A 193 -18.10 -0.78 6.07
N ILE A 194 -18.79 -1.60 6.86
CA ILE A 194 -18.40 -2.05 8.19
C ILE A 194 -19.09 -3.37 8.48
N ASP A 195 -18.43 -4.25 9.22
CA ASP A 195 -18.98 -5.58 9.52
C ASP A 195 -19.38 -5.94 10.97
N ASP A 196 -20.24 -5.16 11.63
CA ASP A 196 -20.82 -5.55 12.94
C ASP A 196 -19.90 -5.58 14.17
N ASP A 197 -18.64 -5.26 13.95
CA ASP A 197 -17.61 -5.03 14.95
C ASP A 197 -16.89 -3.81 14.36
N ASN A 198 -16.23 -3.00 15.19
CA ASN A 198 -15.58 -1.77 14.72
C ASN A 198 -14.05 -1.78 14.85
N PRO A 199 -13.31 -2.87 14.52
CA PRO A 199 -11.85 -2.79 14.64
C PRO A 199 -11.28 -1.77 13.65
N PRO A 200 -10.16 -1.12 13.95
CA PRO A 200 -9.54 -0.22 12.97
C PRO A 200 -9.35 -0.92 11.62
N VAL A 201 -9.64 -0.22 10.53
CA VAL A 201 -9.40 -0.75 9.19
C VAL A 201 -8.05 -0.22 8.81
N SER A 202 -7.11 -1.14 8.63
CA SER A 202 -5.72 -0.81 8.44
C SER A 202 -5.23 -0.75 7.01
N PHE A 203 -6.03 -1.24 6.06
CA PHE A 203 -5.69 -1.22 4.64
C PHE A 203 -6.91 -1.57 3.83
N VAL A 204 -6.95 -1.04 2.61
N VAL A 204 -7.05 -0.96 2.64
CA VAL A 204 -7.98 -1.31 1.64
CA VAL A 204 -8.06 -1.30 1.63
C VAL A 204 -7.46 -1.06 0.23
C VAL A 204 -7.48 -1.07 0.24
N LYS A 205 -7.96 -1.86 -0.72
CA LYS A 205 -7.65 -1.65 -2.13
C LYS A 205 -8.71 -2.31 -2.97
N PHE A 206 -8.93 -1.79 -4.16
CA PHE A 206 -9.82 -2.46 -5.11
C PHE A 206 -9.08 -3.64 -5.76
N SER A 207 -9.85 -4.67 -6.17
CA SER A 207 -9.31 -5.82 -6.88
C SER A 207 -8.88 -5.38 -8.29
N PRO A 208 -8.00 -6.16 -8.97
CA PRO A 208 -7.56 -5.77 -10.32
C PRO A 208 -8.71 -5.57 -11.30
N ASN A 209 -9.81 -6.33 -11.15
CA ASN A 209 -11.00 -6.20 -12.01
C ASN A 209 -11.95 -5.10 -11.58
N GLY A 210 -11.66 -4.49 -10.42
CA GLY A 210 -12.46 -3.42 -9.85
C GLY A 210 -13.76 -3.83 -9.20
N LYS A 211 -14.10 -5.12 -9.18
CA LYS A 211 -15.40 -5.57 -8.62
C LYS A 211 -15.43 -5.67 -7.10
N TYR A 212 -14.25 -5.88 -6.50
CA TYR A 212 -14.20 -6.10 -5.06
C TYR A 212 -13.25 -5.15 -4.36
N ILE A 213 -13.34 -5.12 -3.03
CA ILE A 213 -12.45 -4.37 -2.17
CA ILE A 213 -12.38 -4.40 -2.21
C ILE A 213 -11.83 -5.39 -1.20
N LEU A 214 -10.53 -5.35 -0.99
CA LEU A 214 -9.86 -6.23 -0.04
C LEU A 214 -9.53 -5.29 1.10
N ALA A 215 -10.02 -5.60 2.31
CA ALA A 215 -9.79 -4.81 3.48
C ALA A 215 -9.16 -5.60 4.60
N ALA A 216 -8.22 -4.96 5.28
CA ALA A 216 -7.55 -5.56 6.44
C ALA A 216 -8.06 -4.84 7.66
N THR A 217 -8.27 -5.57 8.77
CA THR A 217 -8.65 -4.94 10.03
C THR A 217 -7.69 -5.39 11.11
N LEU A 218 -7.55 -4.56 12.19
CA LEU A 218 -6.61 -4.88 13.27
C LEU A 218 -7.17 -5.88 14.29
N ASP A 219 -7.91 -6.87 13.78
CA ASP A 219 -8.40 -8.02 14.52
C ASP A 219 -7.96 -9.27 13.76
N ASN A 220 -6.77 -9.23 13.11
CA ASN A 220 -6.16 -10.40 12.46
C ASN A 220 -7.04 -10.94 11.34
N THR A 221 -7.68 -10.04 10.56
CA THR A 221 -8.58 -10.51 9.51
C THR A 221 -8.44 -9.70 8.25
N LEU A 222 -8.49 -10.38 7.09
CA LEU A 222 -8.61 -9.75 5.78
C LEU A 222 -9.99 -10.14 5.27
N LYS A 223 -10.64 -9.21 4.57
CA LYS A 223 -12.00 -9.48 4.05
C LYS A 223 -12.12 -9.03 2.61
N LEU A 224 -12.79 -9.85 1.78
CA LEU A 224 -13.06 -9.52 0.39
C LEU A 224 -14.52 -9.09 0.31
N TRP A 225 -14.77 -7.84 -0.08
CA TRP A 225 -16.14 -7.28 -0.17
C TRP A 225 -16.57 -7.09 -1.61
N ASP A 226 -17.87 -7.31 -1.86
CA ASP A 226 -18.49 -6.95 -3.13
C ASP A 226 -18.99 -5.55 -2.78
N TYR A 227 -18.34 -4.52 -3.28
CA TYR A 227 -18.79 -3.23 -2.80
C TYR A 227 -20.11 -2.75 -3.38
N SER A 228 -20.51 -3.20 -4.58
CA SER A 228 -21.81 -2.79 -5.14
C SER A 228 -22.94 -3.27 -4.22
N LYS A 229 -22.82 -4.53 -3.76
CA LYS A 229 -23.81 -5.15 -2.87
C LYS A 229 -23.57 -4.84 -1.39
N GLY A 230 -22.38 -4.34 -1.03
CA GLY A 230 -22.05 -4.07 0.36
C GLY A 230 -21.98 -5.36 1.18
N LYS A 231 -21.53 -6.46 0.54
CA LYS A 231 -21.48 -7.77 1.17
C LYS A 231 -20.07 -8.31 1.32
N CYS A 232 -19.76 -8.94 2.48
CA CYS A 232 -18.46 -9.58 2.67
C CYS A 232 -18.58 -10.98 2.10
N LEU A 233 -17.75 -11.29 1.08
CA LEU A 233 -17.78 -12.57 0.37
C LEU A 233 -16.82 -13.61 0.88
N LYS A 234 -15.62 -13.18 1.35
CA LYS A 234 -14.56 -14.10 1.82
C LYS A 234 -13.84 -13.46 2.98
N THR A 235 -13.37 -14.31 3.93
CA THR A 235 -12.58 -13.92 5.10
CA THR A 235 -12.60 -13.89 5.08
C THR A 235 -11.28 -14.70 5.03
N TYR A 236 -10.14 -14.05 5.34
CA TYR A 236 -8.82 -14.72 5.34
C TYR A 236 -8.23 -14.51 6.70
N THR A 237 -7.95 -15.60 7.42
CA THR A 237 -7.45 -15.52 8.79
C THR A 237 -6.29 -16.48 8.97
N GLY A 238 -5.63 -16.38 10.12
CA GLY A 238 -4.48 -17.21 10.40
C GLY A 238 -3.21 -16.45 10.71
N HIS A 239 -3.13 -15.18 10.24
CA HIS A 239 -1.99 -14.30 10.43
C HIS A 239 -2.17 -13.45 11.68
N LYS A 240 -1.16 -12.63 12.03
CA LYS A 240 -1.24 -11.75 13.17
C LYS A 240 -1.22 -10.33 12.68
N ASN A 241 -2.27 -9.58 12.99
CA ASN A 241 -2.31 -8.16 12.60
C ASN A 241 -3.24 -7.44 13.56
N GLU A 242 -2.67 -6.85 14.62
CA GLU A 242 -3.40 -6.12 15.63
C GLU A 242 -2.86 -4.70 15.86
N LYS A 243 -1.71 -4.35 15.25
CA LYS A 243 -1.05 -3.08 15.54
C LYS A 243 -0.68 -2.21 14.38
N TYR A 244 -0.22 -2.81 13.27
CA TYR A 244 0.32 -2.02 12.16
C TYR A 244 -0.51 -2.05 10.91
N CYS A 245 -0.37 -1.03 10.07
CA CYS A 245 -1.08 -0.97 8.81
C CYS A 245 -0.28 -1.69 7.74
N ILE A 246 -0.55 -3.01 7.64
CA ILE A 246 0.13 -3.94 6.75
C ILE A 246 -0.63 -4.00 5.43
N PHE A 247 0.11 -3.90 4.32
CA PHE A 247 -0.48 -3.98 2.99
C PHE A 247 -0.89 -5.40 2.67
N ALA A 248 -1.88 -5.57 1.80
CA ALA A 248 -2.26 -6.89 1.32
C ALA A 248 -2.42 -6.81 -0.19
N ASN A 249 -2.28 -7.93 -0.88
CA ASN A 249 -2.32 -7.93 -2.35
C ASN A 249 -3.10 -9.07 -2.94
N PHE A 250 -3.49 -8.88 -4.20
CA PHE A 250 -4.02 -9.94 -5.05
C PHE A 250 -2.85 -10.38 -5.92
N SER A 251 -2.51 -11.68 -5.86
CA SER A 251 -1.47 -12.22 -6.73
C SER A 251 -2.25 -12.89 -7.89
N VAL A 252 -1.96 -12.48 -9.13
CA VAL A 252 -2.72 -12.93 -10.31
C VAL A 252 -1.87 -13.53 -11.44
N THR A 253 -0.55 -13.53 -11.30
CA THR A 253 0.35 -14.01 -12.36
C THR A 253 0.27 -15.51 -12.59
N GLY A 254 0.13 -16.28 -11.51
CA GLY A 254 0.01 -17.74 -11.56
C GLY A 254 -1.34 -18.11 -10.97
N GLY A 255 -1.31 -18.79 -9.85
CA GLY A 255 -2.53 -19.13 -9.11
C GLY A 255 -3.11 -17.85 -8.51
N LYS A 256 -4.40 -17.84 -8.20
CA LYS A 256 -5.06 -16.64 -7.66
C LYS A 256 -4.96 -16.66 -6.13
N TRP A 257 -4.06 -15.84 -5.59
CA TRP A 257 -3.82 -15.81 -4.16
C TRP A 257 -4.09 -14.45 -3.54
N ILE A 258 -4.18 -14.45 -2.21
CA ILE A 258 -4.19 -13.23 -1.38
C ILE A 258 -2.86 -13.28 -0.64
N VAL A 259 -2.11 -12.16 -0.62
CA VAL A 259 -0.78 -12.10 0.01
C VAL A 259 -0.78 -11.01 1.05
N SER A 260 -0.21 -11.26 2.23
CA SER A 260 -0.10 -10.25 3.26
C SER A 260 1.06 -10.49 4.15
N GLY A 261 1.59 -9.42 4.72
CA GLY A 261 2.57 -9.50 5.78
C GLY A 261 1.88 -9.83 7.09
N SER A 262 2.64 -9.99 8.17
CA SER A 262 2.10 -10.39 9.46
C SER A 262 3.04 -9.95 10.58
N GLU A 263 2.47 -9.74 11.77
CA GLU A 263 3.20 -9.34 12.97
C GLU A 263 3.97 -10.47 13.64
N ASP A 264 3.88 -11.71 13.09
CA ASP A 264 4.68 -12.84 13.55
C ASP A 264 5.90 -13.03 12.59
N ASN A 265 6.22 -11.99 11.76
CA ASN A 265 7.40 -11.94 10.88
C ASN A 265 7.33 -12.79 9.64
N LEU A 266 6.14 -13.27 9.28
CA LEU A 266 5.98 -14.11 8.10
C LEU A 266 5.17 -13.42 7.04
N VAL A 267 5.33 -13.90 5.80
CA VAL A 267 4.48 -13.54 4.68
C VAL A 267 3.45 -14.69 4.60
N TYR A 268 2.15 -14.35 4.54
CA TYR A 268 1.08 -15.35 4.41
C TYR A 268 0.49 -15.33 3.03
N ILE A 269 0.20 -16.50 2.47
CA ILE A 269 -0.39 -16.63 1.14
C ILE A 269 -1.58 -17.52 1.28
N TRP A 270 -2.75 -17.04 0.85
CA TRP A 270 -4.01 -17.79 0.90
C TRP A 270 -4.53 -18.04 -0.51
N ASN A 271 -5.29 -19.14 -0.68
CA ASN A 271 -6.01 -19.39 -1.92
C ASN A 271 -7.22 -18.44 -1.87
N LEU A 272 -7.36 -17.57 -2.88
CA LEU A 272 -8.43 -16.58 -2.87
C LEU A 272 -9.82 -17.21 -2.74
N GLN A 273 -10.07 -18.26 -3.52
CA GLN A 273 -11.38 -18.92 -3.52
C GLN A 273 -11.65 -19.74 -2.26
N THR A 274 -10.71 -20.66 -1.86
CA THR A 274 -10.95 -21.55 -0.72
C THR A 274 -10.67 -20.92 0.63
N LYS A 275 -9.88 -19.83 0.67
CA LYS A 275 -9.51 -19.15 1.91
C LYS A 275 -8.50 -19.92 2.79
N GLU A 276 -7.99 -21.04 2.29
CA GLU A 276 -6.98 -21.82 2.99
C GLU A 276 -5.62 -21.16 2.86
N ILE A 277 -4.79 -21.27 3.90
CA ILE A 277 -3.39 -20.83 3.84
C ILE A 277 -2.68 -21.85 2.98
N VAL A 278 -1.94 -21.39 1.97
CA VAL A 278 -1.20 -22.25 1.04
C VAL A 278 0.33 -22.22 1.22
N GLN A 279 0.87 -21.12 1.80
CA GLN A 279 2.29 -20.97 2.05
C GLN A 279 2.54 -19.88 3.05
N LYS A 280 3.58 -20.04 3.87
CA LYS A 280 4.05 -19.04 4.81
C LYS A 280 5.55 -18.88 4.55
N LEU A 281 5.99 -17.64 4.35
CA LEU A 281 7.39 -17.34 4.03
C LEU A 281 8.12 -16.83 5.24
N GLN A 282 9.13 -17.60 5.67
CA GLN A 282 9.93 -17.32 6.85
C GLN A 282 11.28 -16.71 6.46
N GLY A 283 11.75 -15.76 7.26
CA GLY A 283 13.04 -15.11 7.01
C GLY A 283 13.24 -13.78 7.66
N HIS A 284 12.18 -12.93 7.68
CA HIS A 284 12.30 -11.62 8.29
C HIS A 284 12.43 -11.74 9.82
N THR A 285 13.07 -10.76 10.44
CA THR A 285 13.30 -10.76 11.90
C THR A 285 12.43 -9.74 12.63
N ASP A 286 11.48 -9.11 11.92
CA ASP A 286 10.54 -8.18 12.50
C ASP A 286 9.30 -8.19 11.63
N VAL A 287 8.28 -7.42 12.07
CA VAL A 287 6.97 -7.33 11.43
C VAL A 287 7.15 -7.12 9.94
N VAL A 288 6.42 -7.90 9.12
CA VAL A 288 6.43 -7.74 7.67
C VAL A 288 5.28 -6.74 7.40
N ILE A 289 5.65 -5.51 7.18
CA ILE A 289 4.72 -4.39 6.99
C ILE A 289 4.16 -4.27 5.59
N SER A 290 4.90 -4.74 4.59
CA SER A 290 4.48 -4.53 3.22
C SER A 290 4.89 -5.66 2.35
N THR A 291 4.01 -6.00 1.40
CA THR A 291 4.26 -6.99 0.38
C THR A 291 3.78 -6.38 -0.94
N ALA A 292 4.34 -6.88 -2.02
CA ALA A 292 3.95 -6.45 -3.34
C ALA A 292 4.10 -7.65 -4.26
N CYS A 293 3.25 -7.71 -5.29
CA CYS A 293 3.29 -8.78 -6.29
C CYS A 293 3.70 -8.25 -7.64
N HIS A 294 4.67 -8.90 -8.29
CA HIS A 294 5.19 -8.47 -9.60
C HIS A 294 4.08 -8.57 -10.65
N PRO A 295 3.97 -7.58 -11.58
CA PRO A 295 2.85 -7.61 -12.54
C PRO A 295 2.81 -8.74 -13.56
N THR A 296 3.96 -9.40 -13.85
CA THR A 296 4.01 -10.45 -14.89
C THR A 296 4.63 -11.78 -14.47
N GLU A 297 5.55 -11.73 -13.51
CA GLU A 297 6.23 -12.92 -13.01
C GLU A 297 5.73 -13.24 -11.61
N ASN A 298 5.88 -14.49 -11.20
CA ASN A 298 5.47 -14.93 -9.86
C ASN A 298 6.57 -14.54 -8.88
N ILE A 299 6.63 -13.24 -8.56
CA ILE A 299 7.62 -12.68 -7.66
C ILE A 299 6.89 -11.86 -6.60
N ILE A 300 7.28 -12.05 -5.35
CA ILE A 300 6.76 -11.27 -4.22
C ILE A 300 7.92 -10.52 -3.60
N ALA A 301 7.70 -9.24 -3.25
CA ALA A 301 8.66 -8.47 -2.48
C ALA A 301 8.02 -8.29 -1.11
N SER A 302 8.82 -8.43 -0.04
CA SER A 302 8.33 -8.22 1.32
C SER A 302 9.29 -7.29 2.02
N ALA A 303 8.79 -6.50 2.98
CA ALA A 303 9.63 -5.53 3.71
C ALA A 303 9.28 -5.54 5.17
N ALA A 304 10.27 -5.25 6.02
CA ALA A 304 10.06 -5.35 7.44
C ALA A 304 10.47 -4.16 8.23
N LEU A 305 10.02 -4.11 9.48
CA LEU A 305 10.20 -3.00 10.39
C LEU A 305 11.61 -2.84 10.98
N GLU A 306 11.76 -1.99 11.99
CA GLU A 306 13.02 -1.48 12.54
C GLU A 306 14.08 -2.49 12.92
N ASN A 307 13.66 -3.65 13.49
CA ASN A 307 14.69 -4.63 13.91
C ASN A 307 15.24 -5.43 12.74
N ASP A 308 14.63 -5.32 11.54
CA ASP A 308 15.02 -6.08 10.34
C ASP A 308 15.64 -5.15 9.28
N LYS A 309 14.86 -4.15 8.79
CA LYS A 309 15.32 -3.14 7.83
C LYS A 309 15.56 -3.65 6.41
N THR A 310 15.17 -4.91 6.10
CA THR A 310 15.45 -5.44 4.77
C THR A 310 14.21 -5.70 3.94
N ILE A 311 14.43 -5.87 2.66
CA ILE A 311 13.42 -6.23 1.67
C ILE A 311 13.84 -7.59 1.13
N LYS A 312 12.90 -8.49 0.91
CA LYS A 312 13.20 -9.81 0.38
C LYS A 312 12.41 -10.04 -0.90
N LEU A 313 13.06 -10.67 -1.89
CA LEU A 313 12.42 -11.04 -3.16
C LEU A 313 12.29 -12.55 -3.18
N TRP A 314 11.06 -13.05 -3.42
CA TRP A 314 10.72 -14.47 -3.41
C TRP A 314 10.17 -14.83 -4.77
N LYS A 315 10.52 -16.02 -5.33
CA LYS A 315 10.04 -16.43 -6.66
CA LYS A 315 10.02 -16.41 -6.65
C LYS A 315 9.43 -17.82 -6.58
N SER A 316 8.35 -18.04 -7.33
CA SER A 316 7.63 -19.29 -7.39
C SER A 316 7.43 -19.74 -8.85
N ASP A 317 7.17 -21.04 -9.06
CA ASP A 317 6.90 -21.61 -10.38
C ASP A 317 5.42 -21.42 -10.79
N CYS A 318 4.55 -21.09 -9.80
CA CYS A 318 3.11 -20.90 -10.01
C CYS A 318 2.52 -19.90 -9.01
N GLY B 1 10.54 9.80 12.36
CA GLY B 1 10.25 8.44 11.88
C GLY B 1 9.17 8.48 10.84
N ALA B 2 8.44 7.36 10.68
CA ALA B 2 7.30 7.31 9.73
C ALA B 2 6.14 6.74 10.50
N ALA B 3 4.97 7.37 10.37
CA ALA B 3 3.78 6.91 11.13
C ALA B 3 3.45 5.45 10.88
N ARG B 4 3.64 4.93 9.66
CA ARG B 4 3.31 3.52 9.42
C ARG B 4 4.15 2.57 10.28
N ALA B 5 5.33 3.00 10.68
CA ALA B 5 6.19 2.15 11.50
C ALA B 5 5.92 2.30 12.97
N GLU B 6 4.81 2.98 13.33
CA GLU B 6 4.45 3.18 14.73
C GLU B 6 3.08 2.65 15.04
N VAL B 7 2.80 2.40 16.32
N VAL B 7 2.79 2.41 16.33
CA VAL B 7 1.49 1.96 16.77
CA VAL B 7 1.47 1.97 16.77
C VAL B 7 0.65 3.23 16.97
C VAL B 7 0.60 3.20 17.05
N TYR B 8 -0.64 3.19 16.58
CA TYR B 8 -1.54 4.32 16.81
C TYR B 8 -2.65 3.77 17.69
N LEU B 9 -2.90 4.42 18.81
CA LEU B 9 -3.99 3.98 19.69
C LEU B 9 -5.10 5.02 19.73
N ARG B 10 -6.33 4.57 19.41
CA ARG B 10 -7.57 5.37 19.40
C ARG B 10 -7.71 6.26 20.64
#